data_4ZZ5
#
_entry.id   4ZZ5
#
_cell.length_a   38.456
_cell.length_b   66.033
_cell.length_c   117.347
_cell.angle_alpha   90.00
_cell.angle_beta   90.00
_cell.angle_gamma   90.00
#
_symmetry.space_group_name_H-M   'P 21 21 21'
#
loop_
_entity.id
_entity.type
_entity.pdbx_description
1 polymer Glucanase/chitosanase
2 non-polymer 'SULFATE ION'
3 non-polymer 1,2-ETHANEDIOL
4 water water
#
_entity_poly.entity_id   1
_entity_poly.type   'polypeptide(L)'
_entity_poly.pdbx_seq_one_letter_code
;MHHHHHHNLALNKATATSSIETAGHEGDKAVDGNAATRWASAYGASPQWIYINLGSTQSISRVKLNWEDAYATAYSIQVS
NDSGSTPTNWTTVYSTTTGDGAIDDITFAATNAKFVRVYATTRATAYGYSLWEFEVYG
;
_entity_poly.pdbx_strand_id   A,B
#
# COMPACT_ATOMS: atom_id res chain seq x y z
N HIS A 7 -13.29 7.88 18.04
CA HIS A 7 -13.32 7.02 16.83
C HIS A 7 -11.97 7.05 16.13
N ASN A 8 -11.34 5.89 16.13
CA ASN A 8 -10.03 5.79 15.50
C ASN A 8 -10.23 5.70 14.02
N LEU A 9 -9.93 6.71 13.26
CA LEU A 9 -10.10 6.79 11.83
C LEU A 9 -9.18 5.93 11.07
N ALA A 10 -8.07 5.50 11.73
CA ALA A 10 -7.11 4.61 11.06
C ALA A 10 -7.52 3.15 11.01
N LEU A 11 -8.46 2.73 11.85
CA LEU A 11 -8.70 1.33 12.12
C LEU A 11 -9.05 0.69 10.83
N ASN A 12 -8.30 -0.35 10.46
CA ASN A 12 -8.51 -1.14 9.24
C ASN A 12 -8.41 -0.48 7.95
N LYS A 13 -7.78 0.71 7.93
CA LYS A 13 -7.56 1.40 6.68
C LYS A 13 -6.33 0.87 5.83
N ALA A 14 -6.17 1.17 4.61
CA ALA A 14 -5.04 0.76 3.84
C ALA A 14 -3.78 1.53 4.34
N THR A 15 -2.67 0.89 4.24
CA THR A 15 -1.37 1.44 4.63
C THR A 15 -0.33 1.20 3.64
N ALA A 16 0.79 1.90 3.69
CA ALA A 16 1.98 1.62 2.98
C ALA A 16 3.15 1.90 3.89
N THR A 17 4.28 1.27 3.68
CA THR A 17 5.47 1.47 4.51
C THR A 17 6.68 1.58 3.68
N SER A 18 7.73 2.18 4.23
CA SER A 18 9.00 2.20 3.54
C SER A 18 9.67 0.85 3.45
N SER A 19 9.51 0.02 4.45
CA SER A 19 10.13 -1.32 4.53
C SER A 19 9.39 -2.08 5.57
N ILE A 20 9.63 -3.39 5.58
CA ILE A 20 9.14 -4.32 6.64
C ILE A 20 10.29 -5.22 7.06
N GLU A 21 10.25 -5.61 8.31
CA GLU A 21 11.33 -6.47 8.85
C GLU A 21 11.16 -7.86 8.36
N THR A 22 9.98 -8.36 8.30
CA THR A 22 9.67 -9.79 8.05
C THR A 22 8.21 -9.90 7.68
N ALA A 23 7.71 -10.94 6.99
CA ALA A 23 6.39 -11.20 6.82
C ALA A 23 5.69 -11.26 8.16
N GLY A 24 4.49 -10.75 8.28
CA GLY A 24 3.80 -10.63 9.53
C GLY A 24 4.01 -9.30 10.31
N HIS A 25 5.00 -8.53 9.87
CA HIS A 25 5.26 -7.20 10.41
C HIS A 25 4.90 -6.07 9.42
N GLU A 26 3.93 -6.28 8.56
CA GLU A 26 3.54 -5.28 7.60
C GLU A 26 2.76 -4.12 8.24
N GLY A 27 2.59 -3.05 7.44
CA GLY A 27 1.89 -1.84 7.93
C GLY A 27 0.50 -2.07 8.41
N ASP A 28 -0.21 -3.08 7.86
CA ASP A 28 -1.54 -3.30 8.29
C ASP A 28 -1.63 -3.72 9.77
N LYS A 29 -0.53 -4.26 10.27
CA LYS A 29 -0.47 -4.65 11.70
C LYS A 29 -0.50 -3.47 12.66
N ALA A 30 -0.22 -2.25 12.14
CA ALA A 30 -0.28 -1.08 12.96
C ALA A 30 -1.69 -0.47 13.05
N VAL A 31 -2.63 -0.95 12.27
CA VAL A 31 -3.95 -0.34 12.19
C VAL A 31 -5.04 -1.38 12.36
N ASP A 32 -4.73 -2.48 13.04
CA ASP A 32 -5.71 -3.57 13.22
C ASP A 32 -6.33 -3.49 14.56
N GLY A 33 -6.05 -2.62 15.45
CA GLY A 33 -6.63 -2.53 16.76
C GLY A 33 -6.10 -3.52 17.72
N ASN A 34 -5.06 -4.26 17.38
CA ASN A 34 -4.54 -5.30 18.24
C ASN A 34 -3.21 -4.87 18.78
N ALA A 35 -3.06 -4.78 20.08
CA ALA A 35 -1.85 -4.37 20.74
C ALA A 35 -0.73 -5.38 20.75
N ALA A 36 -1.03 -6.57 20.25
CA ALA A 36 -0.03 -7.64 20.16
C ALA A 36 0.39 -7.98 18.76
N THR A 37 0.08 -7.12 17.75
CA THR A 37 0.55 -7.21 16.41
C THR A 37 1.23 -5.82 16.10
N ARG A 38 2.29 -5.85 15.34
CA ARG A 38 3.00 -4.58 15.00
C ARG A 38 3.56 -4.58 13.63
N TRP A 39 3.61 -3.36 13.06
CA TRP A 39 4.51 -3.08 11.95
C TRP A 39 5.91 -3.00 12.51
N ALA A 40 6.88 -3.48 11.76
CA ALA A 40 8.28 -3.29 12.06
C ALA A 40 9.02 -3.03 10.76
N SER A 41 9.81 -1.97 10.74
CA SER A 41 10.63 -1.64 9.58
C SER A 41 11.83 -2.53 9.46
N ALA A 42 12.53 -2.48 8.29
CA ALA A 42 13.91 -2.98 8.26
C ALA A 42 14.74 -2.19 9.17
N TYR A 43 15.92 -2.81 9.49
CA TYR A 43 16.87 -2.26 10.42
C TYR A 43 17.78 -1.25 9.81
N GLY A 44 18.34 -0.32 10.50
CA GLY A 44 19.40 0.53 10.09
C GLY A 44 19.19 2.02 10.26
N ALA A 45 20.06 2.89 9.78
CA ALA A 45 20.07 4.32 10.02
C ALA A 45 19.20 5.17 9.05
N SER A 46 18.66 4.51 8.05
CA SER A 46 17.84 5.27 7.13
CA SER A 46 17.76 5.10 7.05
C SER A 46 16.50 5.68 7.79
N PRO A 47 15.90 6.74 7.32
CA PRO A 47 14.51 7.07 7.74
C PRO A 47 13.60 5.95 7.32
N GLN A 48 12.51 5.75 8.11
CA GLN A 48 11.48 4.83 7.76
C GLN A 48 10.14 5.48 7.99
N TRP A 49 9.10 4.94 7.39
CA TRP A 49 7.79 5.56 7.46
C TRP A 49 6.69 4.58 7.26
N ILE A 50 5.52 4.99 7.77
CA ILE A 50 4.28 4.28 7.54
C ILE A 50 3.23 5.33 7.27
N TYR A 51 2.40 5.16 6.27
CA TYR A 51 1.23 6.05 6.09
C TYR A 51 -0.02 5.28 6.01
N ILE A 52 -1.11 5.94 6.34
CA ILE A 52 -2.48 5.46 6.31
C ILE A 52 -3.26 6.24 5.32
N ASN A 53 -3.97 5.62 4.40
CA ASN A 53 -4.96 6.26 3.55
C ASN A 53 -6.26 6.30 4.23
N LEU A 54 -6.71 7.47 4.75
CA LEU A 54 -7.95 7.57 5.46
C LEU A 54 -9.22 7.37 4.55
N GLY A 55 -9.04 7.45 3.28
CA GLY A 55 -10.16 6.97 2.36
C GLY A 55 -11.03 8.08 1.90
N SER A 56 -10.91 9.21 2.58
CA SER A 56 -11.75 10.45 2.36
C SER A 56 -11.03 11.55 3.13
N THR A 57 -11.26 12.81 2.79
CA THR A 57 -10.70 13.90 3.63
C THR A 57 -11.31 13.85 4.99
N GLN A 58 -10.56 13.94 6.06
CA GLN A 58 -11.00 14.05 7.39
C GLN A 58 -10.38 15.26 8.07
N SER A 59 -10.96 15.81 9.06
CA SER A 59 -10.34 16.81 9.89
C SER A 59 -9.80 16.10 11.06
N ILE A 60 -8.46 16.14 11.21
CA ILE A 60 -7.77 15.39 12.25
C ILE A 60 -6.97 16.34 13.17
N SER A 61 -6.80 15.95 14.38
CA SER A 61 -6.05 16.74 15.36
C SER A 61 -5.31 15.96 16.38
N ARG A 62 -5.39 14.61 16.34
CA ARG A 62 -4.72 13.79 17.32
C ARG A 62 -4.24 12.52 16.70
N VAL A 63 -3.04 12.10 17.07
CA VAL A 63 -2.47 10.79 16.73
C VAL A 63 -2.05 10.11 17.99
N LYS A 64 -2.35 8.83 18.17
CA LYS A 64 -1.76 8.07 19.24
C LYS A 64 -0.91 6.99 18.68
N LEU A 65 0.35 6.94 19.09
CA LEU A 65 1.29 5.89 18.70
C LEU A 65 1.52 4.94 19.83
N ASN A 66 1.57 3.67 19.62
CA ASN A 66 1.95 2.70 20.65
C ASN A 66 3.21 2.00 20.12
N TRP A 67 4.36 2.46 20.58
CA TRP A 67 5.62 1.98 20.11
C TRP A 67 6.05 0.68 20.70
N GLU A 68 6.68 -0.20 19.96
CA GLU A 68 7.45 -1.34 20.49
C GLU A 68 8.76 -0.76 20.98
N ASP A 69 9.61 -1.62 21.60
CA ASP A 69 10.89 -1.16 22.12
C ASP A 69 11.78 -0.46 21.11
N ALA A 70 11.65 -0.84 19.82
CA ALA A 70 12.35 -0.14 18.74
C ALA A 70 11.55 1.18 18.43
N TYR A 71 11.63 2.14 19.24
CA TYR A 71 10.90 3.36 19.06
C TYR A 71 11.76 4.46 18.42
N ALA A 72 11.12 5.54 18.00
CA ALA A 72 11.80 6.72 17.44
C ALA A 72 11.94 7.77 18.49
N THR A 73 13.17 8.27 18.71
CA THR A 73 13.35 9.46 19.46
C THR A 73 13.08 10.77 18.68
N ALA A 74 13.26 10.67 17.35
CA ALA A 74 12.91 11.78 16.43
C ALA A 74 12.02 11.27 15.31
N TYR A 75 10.91 11.95 15.18
CA TYR A 75 9.96 11.61 14.06
C TYR A 75 9.10 12.78 13.90
N SER A 76 8.40 12.74 12.77
CA SER A 76 7.34 13.70 12.48
CA SER A 76 7.37 13.73 12.40
C SER A 76 6.04 13.01 12.15
N ILE A 77 4.93 13.65 12.40
CA ILE A 77 3.61 13.33 11.88
C ILE A 77 3.35 14.26 10.75
N GLN A 78 2.94 13.72 9.59
CA GLN A 78 2.74 14.50 8.37
C GLN A 78 1.39 14.15 7.75
N VAL A 79 0.86 15.07 6.99
CA VAL A 79 -0.39 14.85 6.26
C VAL A 79 -0.17 15.12 4.83
N SER A 80 -1.06 14.46 4.04
CA SER A 80 -1.16 14.76 2.59
C SER A 80 -2.64 14.89 2.28
N ASN A 81 -2.92 15.79 1.32
CA ASN A 81 -4.28 15.95 0.74
C ASN A 81 -4.24 15.66 -0.69
N ASP A 82 -3.26 14.93 -1.21
CA ASP A 82 -3.24 14.47 -2.61
C ASP A 82 -4.43 13.63 -2.94
N SER A 83 -4.81 13.77 -4.22
CA SER A 83 -5.78 12.83 -4.82
C SER A 83 -5.22 11.50 -5.15
N GLY A 84 -6.08 10.47 -5.29
CA GLY A 84 -5.63 9.17 -5.61
C GLY A 84 -5.16 8.34 -4.49
N SER A 85 -4.39 7.35 -4.69
CA SER A 85 -3.93 6.42 -3.65
C SER A 85 -2.46 6.34 -3.39
N THR A 86 -1.72 7.28 -4.03
CA THR A 86 -0.30 7.31 -4.01
C THR A 86 0.19 8.73 -3.66
N PRO A 87 0.18 9.09 -2.39
CA PRO A 87 0.55 10.44 -2.01
C PRO A 87 1.99 10.73 -2.21
N THR A 88 2.28 11.95 -2.59
CA THR A 88 3.69 12.36 -2.79
C THR A 88 4.04 13.71 -2.08
N ASN A 89 3.05 14.48 -1.66
CA ASN A 89 3.29 15.77 -1.05
C ASN A 89 2.89 15.68 0.41
N TRP A 90 3.87 15.84 1.27
CA TRP A 90 3.66 15.72 2.72
C TRP A 90 3.91 17.03 3.42
N THR A 91 3.14 17.28 4.44
CA THR A 91 3.25 18.49 5.29
C THR A 91 3.40 18.01 6.71
N THR A 92 4.49 18.41 7.40
CA THR A 92 4.66 18.13 8.79
C THR A 92 3.69 18.89 9.68
N VAL A 93 2.98 18.24 10.53
CA VAL A 93 2.07 18.84 11.48
C VAL A 93 2.57 18.78 12.87
N TYR A 94 3.54 17.94 13.18
CA TYR A 94 4.14 17.74 14.46
C TYR A 94 5.46 17.13 14.28
N SER A 95 6.49 17.50 15.07
CA SER A 95 7.69 16.70 15.15
CA SER A 95 7.82 16.84 15.08
C SER A 95 8.32 16.79 16.52
N THR A 96 9.14 15.84 16.83
CA THR A 96 9.87 15.80 18.15
C THR A 96 11.23 15.30 17.85
N THR A 97 12.15 15.68 18.80
CA THR A 97 13.44 15.01 18.91
C THR A 97 13.65 14.39 20.33
N THR A 98 12.62 14.34 21.08
CA THR A 98 12.68 13.88 22.46
C THR A 98 11.73 12.78 22.74
N GLY A 99 11.39 11.97 21.72
CA GLY A 99 10.43 10.89 21.91
C GLY A 99 10.97 9.90 22.93
N ASP A 100 10.05 9.39 23.76
CA ASP A 100 10.41 8.45 24.84
C ASP A 100 9.72 7.14 24.72
N GLY A 101 9.09 6.82 23.58
CA GLY A 101 8.58 5.52 23.35
C GLY A 101 7.27 5.21 24.08
N ALA A 102 6.97 3.95 24.14
CA ALA A 102 5.72 3.49 24.72
C ALA A 102 4.54 4.21 24.04
N ILE A 103 3.61 4.83 24.78
CA ILE A 103 2.55 5.59 24.17
C ILE A 103 2.98 6.99 23.92
N ASP A 104 2.75 7.53 22.72
CA ASP A 104 2.90 8.93 22.40
C ASP A 104 1.56 9.41 22.01
N ASP A 105 0.99 10.31 22.84
CA ASP A 105 -0.27 10.90 22.53
C ASP A 105 -0.12 12.30 22.00
N ILE A 106 -0.35 12.57 20.74
CA ILE A 106 0.11 13.77 20.11
CA ILE A 106 0.12 13.76 20.06
C ILE A 106 -1.11 14.56 19.67
N THR A 107 -1.13 15.84 19.92
CA THR A 107 -2.18 16.74 19.42
C THR A 107 -1.54 17.84 18.52
N PHE A 108 -2.28 18.35 17.58
CA PHE A 108 -1.85 19.40 16.71
C PHE A 108 -3.05 20.14 16.16
N ALA A 109 -2.81 21.24 15.51
CA ALA A 109 -3.91 22.07 15.01
C ALA A 109 -4.74 21.23 14.11
N ALA A 110 -6.09 21.32 14.19
CA ALA A 110 -6.95 20.57 13.33
C ALA A 110 -6.74 20.89 11.92
N THR A 111 -6.63 19.81 11.04
CA THR A 111 -6.31 20.01 9.69
C THR A 111 -7.04 18.98 8.82
N ASN A 112 -7.44 19.33 7.66
CA ASN A 112 -7.86 18.32 6.67
C ASN A 112 -6.66 17.45 6.36
N ALA A 113 -6.96 16.19 6.12
CA ALA A 113 -5.93 15.19 5.68
C ALA A 113 -6.68 14.05 4.96
N LYS A 114 -6.07 13.57 3.91
CA LYS A 114 -6.51 12.26 3.27
C LYS A 114 -5.54 11.18 3.66
N PHE A 115 -4.27 11.48 3.94
CA PHE A 115 -3.20 10.49 4.37
C PHE A 115 -2.52 11.04 5.57
N VAL A 116 -2.08 10.18 6.48
CA VAL A 116 -1.28 10.56 7.61
C VAL A 116 -0.07 9.68 7.61
N ARG A 117 1.12 10.21 7.82
CA ARG A 117 2.42 9.48 7.79
C ARG A 117 3.14 9.72 9.11
N VAL A 118 3.71 8.66 9.67
CA VAL A 118 4.83 8.76 10.67
C VAL A 118 6.09 8.65 9.90
N TYR A 119 6.93 9.67 9.97
CA TYR A 119 8.23 9.69 9.29
C TYR A 119 9.29 9.72 10.39
N ALA A 120 9.93 8.60 10.57
CA ALA A 120 10.80 8.34 11.71
C ALA A 120 12.25 8.47 11.25
N THR A 121 13.01 9.24 12.01
CA THR A 121 14.38 9.64 11.52
C THR A 121 15.47 9.39 12.51
N THR A 122 15.25 9.28 13.82
CA THR A 122 16.32 8.81 14.78
C THR A 122 15.72 7.74 15.61
N ARG A 123 16.39 6.64 15.67
CA ARG A 123 16.07 5.45 16.45
C ARG A 123 16.52 5.60 17.88
N ALA A 124 15.79 4.98 18.77
CA ALA A 124 16.25 4.70 20.19
C ALA A 124 17.14 3.52 20.23
N THR A 125 17.11 2.61 19.32
CA THR A 125 17.85 1.35 19.30
C THR A 125 18.64 1.24 18.03
N ALA A 126 19.42 0.16 17.91
CA ALA A 126 20.08 -0.12 16.73
C ALA A 126 19.36 -1.07 15.78
N TYR A 127 18.03 -1.25 15.97
CA TYR A 127 17.22 -2.05 15.10
C TYR A 127 16.62 -1.20 14.00
N GLY A 128 15.28 -1.18 13.97
CA GLY A 128 14.56 -0.28 13.07
C GLY A 128 13.58 0.46 13.91
N TYR A 129 12.34 0.62 13.42
CA TYR A 129 11.23 1.26 14.09
C TYR A 129 10.09 0.32 14.08
N SER A 130 9.26 0.33 15.12
CA SER A 130 8.11 -0.59 15.23
C SER A 130 6.99 -0.04 16.03
N LEU A 131 5.80 -0.12 15.49
CA LEU A 131 4.56 0.32 16.08
C LEU A 131 3.55 -0.80 16.22
N TRP A 132 3.12 -1.05 17.49
CA TRP A 132 1.96 -1.89 17.74
C TRP A 132 0.68 -1.30 17.11
N GLU A 133 0.52 0.03 17.28
CA GLU A 133 -0.65 0.69 16.76
C GLU A 133 -0.31 2.15 16.39
N PHE A 134 -1.02 2.65 15.39
CA PHE A 134 -0.93 4.03 14.88
C PHE A 134 -2.41 4.42 14.75
N GLU A 135 -2.88 5.26 15.63
CA GLU A 135 -4.30 5.63 15.78
C GLU A 135 -4.41 7.08 15.36
N VAL A 136 -5.56 7.46 14.75
CA VAL A 136 -5.80 8.84 14.24
C VAL A 136 -7.18 9.27 14.63
N TYR A 137 -7.32 10.47 15.19
CA TYR A 137 -8.56 11.01 15.68
C TYR A 137 -8.81 12.40 15.24
N GLY A 138 -10.11 12.71 15.20
N GLY A 138 -10.11 12.65 15.03
CA GLY A 138 -10.59 14.12 15.06
CA GLY A 138 -10.61 13.99 14.70
C GLY A 138 -10.27 14.98 16.24
C GLY A 138 -10.21 14.90 15.83
N ASN B 8 3.49 -20.10 -12.09
CA ASN B 8 2.96 -18.71 -11.78
C ASN B 8 3.74 -18.08 -10.65
N LEU B 9 4.56 -17.11 -10.90
CA LEU B 9 5.44 -16.45 -9.96
C LEU B 9 4.67 -15.60 -9.03
N ALA B 10 3.42 -15.25 -9.30
CA ALA B 10 2.60 -14.44 -8.45
C ALA B 10 1.90 -15.21 -7.34
N LEU B 11 1.81 -16.52 -7.46
CA LEU B 11 0.96 -17.27 -6.60
C LEU B 11 1.24 -17.09 -5.10
N ASN B 12 0.24 -16.66 -4.39
CA ASN B 12 0.38 -16.51 -2.93
C ASN B 12 1.37 -15.42 -2.52
N LYS B 13 1.71 -14.46 -3.40
CA LYS B 13 2.60 -13.39 -3.05
C LYS B 13 1.87 -12.22 -2.43
N ALA B 14 2.59 -11.30 -1.81
CA ALA B 14 1.98 -10.13 -1.17
C ALA B 14 1.45 -9.19 -2.26
N THR B 15 0.38 -8.56 -2.03
CA THR B 15 -0.22 -7.58 -2.89
C THR B 15 -0.50 -6.28 -2.28
N ALA B 16 -0.79 -5.23 -2.96
CA ALA B 16 -1.34 -4.00 -2.49
C ALA B 16 -2.33 -3.44 -3.46
N THR B 17 -3.34 -2.75 -3.11
CA THR B 17 -4.33 -2.23 -3.97
C THR B 17 -4.65 -0.79 -3.76
N SER B 18 -5.16 -0.05 -4.69
CA SER B 18 -5.62 1.29 -4.51
C SER B 18 -6.85 1.32 -3.65
N SER B 19 -7.73 0.38 -3.81
CA SER B 19 -8.98 0.34 -3.00
C SER B 19 -9.54 -1.06 -3.12
N ILE B 20 -10.46 -1.41 -2.26
CA ILE B 20 -11.19 -2.70 -2.27
C ILE B 20 -12.67 -2.44 -2.15
N GLU B 21 -13.51 -3.16 -2.83
CA GLU B 21 -14.92 -2.92 -2.78
C GLU B 21 -15.49 -3.28 -1.44
N THR B 22 -15.06 -4.40 -0.89
CA THR B 22 -15.80 -5.12 0.18
CA THR B 22 -15.79 -5.10 0.20
C THR B 22 -14.92 -6.24 0.66
N ALA B 23 -15.14 -6.73 1.92
CA ALA B 23 -14.43 -7.85 2.39
C ALA B 23 -14.64 -9.07 1.49
N GLY B 24 -13.64 -9.84 1.37
CA GLY B 24 -13.68 -10.98 0.44
C GLY B 24 -13.18 -10.68 -1.02
N HIS B 25 -13.02 -9.36 -1.31
CA HIS B 25 -12.57 -8.90 -2.62
C HIS B 25 -11.22 -8.20 -2.52
N GLU B 26 -10.39 -8.59 -1.63
CA GLU B 26 -9.09 -7.95 -1.43
C GLU B 26 -8.15 -8.36 -2.54
N GLY B 27 -6.95 -7.70 -2.58
CA GLY B 27 -5.93 -7.99 -3.54
C GLY B 27 -5.45 -9.37 -3.54
N ASP B 28 -5.36 -10.05 -2.34
CA ASP B 28 -4.83 -11.36 -2.27
C ASP B 28 -5.72 -12.39 -3.08
N LYS B 29 -6.96 -12.04 -3.28
CA LYS B 29 -7.82 -12.87 -4.11
C LYS B 29 -7.48 -12.90 -5.57
N ALA B 30 -6.62 -12.01 -6.04
CA ALA B 30 -6.16 -12.03 -7.45
C ALA B 30 -5.00 -12.94 -7.61
N VAL B 31 -4.35 -13.45 -6.54
CA VAL B 31 -3.17 -14.26 -6.62
C VAL B 31 -3.32 -15.57 -5.83
N ASP B 32 -4.53 -16.01 -5.64
CA ASP B 32 -4.72 -17.28 -4.87
C ASP B 32 -4.78 -18.46 -5.74
N GLY B 33 -4.68 -18.32 -7.05
CA GLY B 33 -4.82 -19.52 -7.90
C GLY B 33 -6.22 -19.96 -8.06
N ASN B 34 -7.23 -19.29 -7.60
CA ASN B 34 -8.64 -19.63 -7.56
C ASN B 34 -9.38 -18.70 -8.48
N ALA B 35 -9.90 -19.34 -9.60
CA ALA B 35 -10.64 -18.56 -10.61
C ALA B 35 -11.98 -18.16 -10.14
N ALA B 36 -12.42 -18.57 -8.93
CA ALA B 36 -13.68 -18.18 -8.40
C ALA B 36 -13.63 -17.17 -7.25
N THR B 37 -12.44 -16.59 -7.06
CA THR B 37 -12.25 -15.49 -6.05
C THR B 37 -11.67 -14.33 -6.84
N ARG B 38 -11.93 -13.11 -6.36
CA ARG B 38 -11.44 -11.94 -7.15
C ARG B 38 -11.12 -10.78 -6.27
N TRP B 39 -10.14 -9.98 -6.67
CA TRP B 39 -10.01 -8.58 -6.21
C TRP B 39 -11.06 -7.75 -6.87
N ALA B 40 -11.66 -6.83 -6.21
CA ALA B 40 -12.49 -5.82 -6.85
C ALA B 40 -12.18 -4.49 -6.24
N SER B 41 -12.00 -3.44 -7.00
CA SER B 41 -11.75 -2.10 -6.49
C SER B 41 -13.09 -1.56 -6.06
N ALA B 42 -13.00 -0.39 -5.37
CA ALA B 42 -14.16 0.46 -5.22
C ALA B 42 -14.78 0.85 -6.53
N TYR B 43 -16.12 0.98 -6.52
CA TYR B 43 -16.84 1.37 -7.73
C TYR B 43 -16.64 2.88 -7.98
N GLY B 44 -16.78 3.34 -9.22
CA GLY B 44 -17.13 4.75 -9.53
C GLY B 44 -15.95 5.65 -9.73
N ALA B 45 -14.74 5.13 -9.69
CA ALA B 45 -13.50 5.99 -9.57
C ALA B 45 -12.33 5.33 -10.34
N SER B 46 -11.70 6.06 -11.24
CA SER B 46 -10.39 5.61 -11.75
C SER B 46 -9.43 6.71 -11.57
N PRO B 47 -8.16 6.44 -11.64
CA PRO B 47 -7.58 5.11 -11.87
C PRO B 47 -7.65 4.19 -10.67
N GLN B 48 -7.43 2.90 -10.87
CA GLN B 48 -7.25 1.92 -9.79
C GLN B 48 -6.09 1.05 -10.10
N TRP B 49 -5.51 0.35 -9.13
CA TRP B 49 -4.38 -0.47 -9.38
C TRP B 49 -4.23 -1.60 -8.41
N ILE B 50 -3.47 -2.61 -8.76
CA ILE B 50 -3.05 -3.69 -7.92
C ILE B 50 -1.66 -4.03 -8.24
N TYR B 51 -0.78 -4.19 -7.25
CA TYR B 51 0.50 -4.63 -7.49
C TYR B 51 0.85 -5.91 -6.73
N ILE B 52 1.82 -6.65 -7.19
CA ILE B 52 2.31 -7.88 -6.56
C ILE B 52 3.72 -7.74 -6.27
N ASN B 53 4.15 -8.04 -5.06
CA ASN B 53 5.55 -8.14 -4.72
C ASN B 53 6.03 -9.52 -4.98
N LEU B 54 6.86 -9.81 -5.97
CA LEU B 54 7.25 -11.11 -6.35
C LEU B 54 8.22 -11.73 -5.33
N GLY B 55 8.73 -10.92 -4.40
CA GLY B 55 9.59 -11.44 -3.29
C GLY B 55 11.05 -11.55 -3.58
N SER B 56 11.48 -11.33 -4.80
CA SER B 56 12.89 -11.29 -5.22
C SER B 56 12.87 -10.83 -6.68
N THR B 57 13.99 -10.44 -7.21
CA THR B 57 14.01 -10.03 -8.61
C THR B 57 13.86 -11.26 -9.50
N GLN B 58 12.89 -11.21 -10.41
CA GLN B 58 12.59 -12.30 -11.32
C GLN B 58 12.58 -11.78 -12.73
N SER B 59 13.07 -12.60 -13.65
CA SER B 59 12.95 -12.31 -15.11
C SER B 59 11.51 -12.70 -15.49
N ILE B 60 10.70 -11.76 -15.99
CA ILE B 60 9.37 -12.06 -16.38
C ILE B 60 9.17 -11.68 -17.85
N SER B 61 8.24 -12.43 -18.45
CA SER B 61 7.89 -12.20 -19.84
C SER B 61 6.45 -12.46 -20.21
N ARG B 62 5.58 -12.79 -19.26
CA ARG B 62 4.18 -12.97 -19.59
CA ARG B 62 4.18 -12.96 -19.59
C ARG B 62 3.31 -12.58 -18.38
N VAL B 63 2.20 -11.96 -18.57
CA VAL B 63 1.21 -11.67 -17.54
C VAL B 63 -0.11 -12.10 -18.04
N LYS B 64 -0.87 -12.88 -17.31
CA LYS B 64 -2.21 -13.25 -17.68
C LYS B 64 -3.20 -12.61 -16.78
N LEU B 65 -4.09 -11.80 -17.21
CA LEU B 65 -5.10 -11.17 -16.45
C LEU B 65 -6.42 -11.87 -16.68
N ASN B 66 -7.12 -12.35 -15.70
CA ASN B 66 -8.47 -12.89 -15.86
C ASN B 66 -9.46 -11.95 -15.31
N TRP B 67 -10.02 -11.08 -16.11
CA TRP B 67 -10.94 -10.06 -15.67
C TRP B 67 -12.28 -10.53 -15.34
N GLU B 68 -12.91 -10.01 -14.33
CA GLU B 68 -14.35 -10.10 -14.12
C GLU B 68 -15.06 -9.15 -15.04
N ASP B 69 -16.41 -9.15 -14.98
CA ASP B 69 -17.23 -8.27 -15.76
C ASP B 69 -16.76 -6.85 -15.76
N ALA B 70 -16.33 -6.37 -14.58
CA ALA B 70 -15.81 -4.98 -14.43
C ALA B 70 -14.36 -4.95 -14.94
N TYR B 71 -14.17 -4.99 -16.22
CA TYR B 71 -12.81 -4.98 -16.84
C TYR B 71 -12.42 -3.57 -17.21
N ALA B 72 -11.13 -3.45 -17.48
CA ALA B 72 -10.55 -2.22 -18.00
C ALA B 72 -10.44 -2.28 -19.53
N THR B 73 -10.98 -1.23 -20.20
CA THR B 73 -10.67 -1.07 -21.60
C THR B 73 -9.34 -0.38 -21.83
N ALA B 74 -8.89 0.36 -20.79
CA ALA B 74 -7.56 0.96 -20.89
C ALA B 74 -6.81 0.64 -19.55
N TYR B 75 -5.62 0.14 -19.73
CA TYR B 75 -4.76 -0.15 -18.57
C TYR B 75 -3.34 -0.33 -19.04
N SER B 76 -2.41 -0.25 -18.09
CA SER B 76 -1.00 -0.50 -18.33
C SER B 76 -0.51 -1.57 -17.41
N ILE B 77 0.32 -2.47 -17.80
CA ILE B 77 1.01 -3.44 -16.99
C ILE B 77 2.39 -2.91 -16.81
N GLN B 78 2.91 -2.80 -15.59
CA GLN B 78 4.21 -2.16 -15.30
C GLN B 78 5.04 -2.95 -14.31
N VAL B 79 6.32 -2.77 -14.31
CA VAL B 79 7.22 -3.42 -13.40
C VAL B 79 8.02 -2.41 -12.62
N SER B 80 8.49 -2.81 -11.43
CA SER B 80 9.42 -1.97 -10.62
C SER B 80 10.48 -2.82 -10.07
N ASN B 81 11.67 -2.25 -9.86
CA ASN B 81 12.75 -2.89 -9.14
C ASN B 81 13.11 -2.04 -7.91
N ASP B 82 12.26 -1.30 -7.34
CA ASP B 82 12.59 -0.45 -6.21
C ASP B 82 12.85 -1.39 -5.04
N SER B 83 13.70 -0.91 -4.11
CA SER B 83 13.91 -1.52 -2.78
C SER B 83 12.76 -1.18 -1.83
N GLY B 84 12.67 -1.93 -0.76
CA GLY B 84 11.66 -1.66 0.25
C GLY B 84 10.37 -2.25 -0.12
N SER B 85 9.30 -1.82 0.55
CA SER B 85 8.03 -2.42 0.46
C SER B 85 7.01 -1.60 -0.40
N THR B 86 7.34 -0.36 -0.79
CA THR B 86 6.40 0.47 -1.58
C THR B 86 7.09 0.86 -2.88
N PRO B 87 6.65 0.31 -4.01
CA PRO B 87 7.23 0.67 -5.32
C PRO B 87 6.65 2.01 -5.72
N THR B 88 7.53 2.82 -6.30
CA THR B 88 7.05 4.10 -6.87
C THR B 88 7.65 4.37 -8.29
N ASN B 89 8.68 3.72 -8.72
CA ASN B 89 9.28 3.93 -10.06
C ASN B 89 8.86 2.77 -10.93
N TRP B 90 7.96 2.99 -11.86
CA TRP B 90 7.39 1.94 -12.73
C TRP B 90 7.94 2.03 -14.18
N THR B 91 7.99 0.89 -14.82
CA THR B 91 8.37 0.79 -16.23
C THR B 91 7.25 0.03 -16.94
N THR B 92 6.60 0.60 -17.91
CA THR B 92 5.54 -0.09 -18.63
C THR B 92 6.04 -1.19 -19.47
N VAL B 93 5.44 -2.36 -19.43
CA VAL B 93 5.72 -3.49 -20.33
C VAL B 93 4.53 -3.76 -21.25
N TYR B 94 3.37 -3.21 -21.08
CA TYR B 94 2.26 -3.37 -22.00
C TYR B 94 1.23 -2.37 -21.75
N SER B 95 0.46 -1.86 -22.64
CA SER B 95 -0.68 -1.06 -22.40
C SER B 95 -1.74 -1.24 -23.48
N THR B 96 -2.92 -0.84 -23.24
CA THR B 96 -4.04 -0.80 -24.28
C THR B 96 -4.97 0.21 -23.91
N THR B 97 -5.77 0.72 -24.94
CA THR B 97 -6.99 1.48 -24.72
C THR B 97 -8.17 0.77 -25.50
N THR B 98 -7.91 -0.46 -25.89
CA THR B 98 -8.95 -1.20 -26.61
C THR B 98 -9.13 -2.57 -26.04
N GLY B 99 -9.02 -2.68 -24.68
CA GLY B 99 -9.22 -3.94 -24.03
C GLY B 99 -10.68 -4.45 -24.15
N ASP B 100 -10.71 -5.78 -24.22
CA ASP B 100 -12.04 -6.42 -24.30
CA ASP B 100 -11.95 -6.57 -24.37
C ASP B 100 -12.29 -7.35 -23.16
N GLY B 101 -11.51 -7.32 -22.13
CA GLY B 101 -11.84 -8.08 -20.91
C GLY B 101 -11.69 -9.56 -21.07
N ALA B 102 -12.35 -10.32 -20.21
CA ALA B 102 -12.13 -11.73 -20.05
C ALA B 102 -10.66 -12.02 -19.86
N ILE B 103 -10.04 -13.00 -20.45
CA ILE B 103 -8.62 -13.22 -20.28
C ILE B 103 -7.81 -12.38 -21.17
N ASP B 104 -6.89 -11.62 -20.68
CA ASP B 104 -5.86 -10.89 -21.45
C ASP B 104 -4.59 -11.62 -21.19
N ASP B 105 -3.96 -12.26 -22.15
CA ASP B 105 -2.79 -13.06 -21.97
C ASP B 105 -1.67 -12.42 -22.74
N ILE B 106 -0.76 -11.74 -22.09
CA ILE B 106 0.18 -10.85 -22.69
C ILE B 106 1.62 -11.30 -22.58
N THR B 107 2.42 -11.46 -23.64
CA THR B 107 3.82 -11.78 -23.63
C THR B 107 4.56 -10.57 -24.08
N PHE B 108 5.65 -10.28 -23.45
CA PHE B 108 6.47 -9.09 -23.76
C PHE B 108 7.92 -9.49 -23.60
N ALA B 109 8.79 -8.62 -24.05
CA ALA B 109 10.19 -8.82 -23.94
C ALA B 109 10.60 -9.03 -22.47
N ALA B 110 11.35 -10.06 -22.17
CA ALA B 110 11.77 -10.42 -20.81
C ALA B 110 12.43 -9.26 -20.15
N THR B 111 11.97 -9.04 -18.88
CA THR B 111 12.31 -7.88 -18.12
C THR B 111 12.51 -8.30 -16.66
N ASN B 112 13.50 -7.79 -15.97
CA ASN B 112 13.61 -8.01 -14.53
C ASN B 112 12.56 -7.18 -13.77
N ALA B 113 11.99 -7.86 -12.78
CA ALA B 113 10.98 -7.22 -11.92
C ALA B 113 11.05 -7.74 -10.52
N LYS B 114 10.89 -6.85 -9.55
CA LYS B 114 10.54 -7.24 -8.17
CA LYS B 114 10.54 -7.24 -8.17
C LYS B 114 9.02 -7.09 -7.97
N PHE B 115 8.40 -6.08 -8.58
CA PHE B 115 6.99 -5.80 -8.44
C PHE B 115 6.36 -5.79 -9.82
N VAL B 116 5.12 -6.13 -9.94
CA VAL B 116 4.33 -6.04 -11.19
C VAL B 116 3.04 -5.40 -10.88
N ARG B 117 2.50 -4.45 -11.62
CA ARG B 117 1.26 -3.88 -11.36
C ARG B 117 0.37 -3.83 -12.58
N VAL B 118 -0.91 -3.78 -12.35
CA VAL B 118 -1.91 -3.35 -13.34
C VAL B 118 -2.33 -1.99 -12.93
N TYR B 119 -2.24 -0.95 -13.77
CA TYR B 119 -2.65 0.39 -13.54
C TYR B 119 -3.86 0.62 -14.47
N ALA B 120 -5.07 0.62 -13.97
CA ALA B 120 -6.28 0.60 -14.78
C ALA B 120 -6.85 2.01 -14.86
N THR B 121 -7.06 2.49 -16.07
CA THR B 121 -7.40 3.86 -16.32
C THR B 121 -8.66 4.18 -17.03
N THR B 122 -9.24 3.23 -17.76
CA THR B 122 -10.62 3.43 -18.25
C THR B 122 -11.47 2.19 -18.01
N ARG B 123 -12.58 2.35 -17.42
CA ARG B 123 -13.52 1.25 -17.12
C ARG B 123 -14.45 0.86 -18.28
N ALA B 124 -14.69 -0.43 -18.47
CA ALA B 124 -15.74 -0.92 -19.37
C ALA B 124 -17.11 -0.69 -18.79
N THR B 125 -17.23 -0.65 -17.47
CA THR B 125 -18.56 -0.64 -16.80
C THR B 125 -18.62 0.50 -15.82
N ALA B 126 -19.83 0.58 -15.20
CA ALA B 126 -20.11 1.61 -14.24
C ALA B 126 -19.85 1.12 -12.84
N TYR B 127 -19.09 0.01 -12.67
CA TYR B 127 -18.77 -0.52 -11.37
C TYR B 127 -17.39 -0.01 -11.14
N GLY B 128 -16.43 -0.89 -10.83
CA GLY B 128 -15.00 -0.50 -10.67
C GLY B 128 -14.14 -1.35 -11.65
N TYR B 129 -13.09 -1.94 -11.12
CA TYR B 129 -12.24 -2.93 -11.84
C TYR B 129 -12.15 -4.14 -11.05
N SER B 130 -12.10 -5.36 -11.60
CA SER B 130 -12.02 -6.61 -10.85
C SER B 130 -11.29 -7.68 -11.59
N LEU B 131 -10.42 -8.38 -10.95
CA LEU B 131 -9.60 -9.49 -11.50
C LEU B 131 -9.79 -10.69 -10.70
N TRP B 132 -10.25 -11.80 -11.33
CA TRP B 132 -10.23 -13.13 -10.73
C TRP B 132 -8.84 -13.59 -10.47
N GLU B 133 -7.89 -13.34 -11.39
CA GLU B 133 -6.55 -13.75 -11.27
C GLU B 133 -5.60 -12.80 -12.00
N PHE B 134 -4.42 -12.62 -11.49
CA PHE B 134 -3.32 -11.85 -12.04
C PHE B 134 -2.16 -12.75 -11.94
N GLU B 135 -1.74 -13.36 -13.06
CA GLU B 135 -0.69 -14.37 -13.11
C GLU B 135 0.53 -13.87 -13.82
N VAL B 136 1.73 -14.29 -13.36
CA VAL B 136 2.98 -13.76 -13.86
C VAL B 136 3.91 -14.92 -14.17
N TYR B 137 4.52 -14.96 -15.34
CA TYR B 137 5.41 -16.05 -15.74
C TYR B 137 6.70 -15.50 -16.30
N GLY B 138 7.77 -16.33 -16.17
CA GLY B 138 9.08 -16.11 -16.74
C GLY B 138 9.04 -16.59 -18.16
#